data_8YV9
#
_entry.id   8YV9
#
_cell.length_a   59.021
_cell.length_b   54.296
_cell.length_c   76.770
_cell.angle_alpha   90.00
_cell.angle_beta   109.07
_cell.angle_gamma   90.00
#
_symmetry.space_group_name_H-M   'C 1 2 1'
#
loop_
_entity.id
_entity.type
_entity.pdbx_description
1 polymer 'C2H2-type domain-containing protein'
2 polymer "DNA (5'-D(*TP*TP*GP*GP*TP*CP*AP*GP*TP*GP*CP*A)-3')"
3 polymer "DNA (5'-D(*TP*GP*CP*AP*CP*TP*GP*AP*CP*CP*AP*A)-3')"
4 non-polymer 'ZINC ION'
5 water water
#
loop_
_entity_poly.entity_id
_entity_poly.type
_entity_poly.pdbx_seq_one_letter_code
_entity_poly.pdbx_strand_id
1 'polypeptide(L)'
;GPHMMKSPDSKNDEINKDEIHNIQCHFPNCNRAIAWKRKYGKLRLIDHALVHCDKNFLKCKKCKHTCHTIRQMRYHYRIF
HSTSKMEGFGVSGLPTKNKGFQKIMNACFADQLVEMNKRKNPPKSQNGSRRSRVKSKSKRSGI
;
A
2 'polydeoxyribonucleotide' (DT)(DT)(DG)(DG)(DT)(DC)(DA)(DG)(DT)(DG)(DC)(DA) B
3 'polydeoxyribonucleotide' (DT)(DG)(DC)(DA)(DC)(DT)(DG)(DA)(DC)(DC)(DA)(DA) C
#
loop_
_chem_comp.id
_chem_comp.type
_chem_comp.name
_chem_comp.formula
DA DNA linking 2'-DEOXYADENOSINE-5'-MONOPHOSPHATE 'C10 H14 N5 O6 P'
DC DNA linking 2'-DEOXYCYTIDINE-5'-MONOPHOSPHATE 'C9 H14 N3 O7 P'
DG DNA linking 2'-DEOXYGUANOSINE-5'-MONOPHOSPHATE 'C10 H14 N5 O7 P'
DT DNA linking THYMIDINE-5'-MONOPHOSPHATE 'C10 H15 N2 O8 P'
ZN non-polymer 'ZINC ION' 'Zn 2'
#
# COMPACT_ATOMS: atom_id res chain seq x y z
N ASP A 18 14.78 -5.36 -16.41
CA ASP A 18 14.03 -4.43 -15.56
C ASP A 18 13.06 -3.59 -16.40
N GLU A 19 12.33 -4.27 -17.28
CA GLU A 19 11.35 -3.63 -18.14
C GLU A 19 9.96 -3.75 -17.54
N ILE A 20 9.11 -2.79 -17.86
CA ILE A 20 7.79 -2.72 -17.27
C ILE A 20 6.94 -3.89 -17.76
N HIS A 21 6.38 -4.64 -16.82
CA HIS A 21 5.43 -5.70 -17.10
C HIS A 21 4.26 -5.57 -16.15
N ASN A 22 3.08 -5.94 -16.63
CA ASN A 22 1.87 -5.86 -15.82
C ASN A 22 1.81 -7.06 -14.88
N ILE A 23 1.51 -6.80 -13.60
CA ILE A 23 1.29 -7.86 -12.63
C ILE A 23 -0.20 -7.89 -12.29
N GLN A 24 -0.83 -9.03 -12.52
CA GLN A 24 -2.25 -9.17 -12.24
C GLN A 24 -2.49 -9.26 -10.74
N CYS A 25 -3.41 -8.45 -10.22
CA CYS A 25 -3.86 -8.61 -8.84
C CYS A 25 -4.69 -9.87 -8.73
N HIS A 26 -4.46 -10.65 -7.66
CA HIS A 26 -5.16 -11.91 -7.47
C HIS A 26 -6.30 -11.83 -6.48
N PHE A 27 -6.67 -10.62 -6.05
CA PHE A 27 -7.86 -10.52 -5.22
C PHE A 27 -9.06 -11.04 -6.00
N PRO A 28 -9.98 -11.72 -5.35
CA PRO A 28 -11.15 -12.26 -6.06
C PRO A 28 -11.90 -11.21 -6.85
N ASN A 29 -12.09 -11.47 -8.13
CA ASN A 29 -12.85 -10.64 -9.07
C ASN A 29 -12.19 -9.29 -9.37
N CYS A 30 -10.97 -9.05 -8.89
CA CYS A 30 -10.26 -7.84 -9.28
C CYS A 30 -9.62 -8.05 -10.65
N ASN A 31 -9.89 -7.14 -11.58
CA ASN A 31 -9.36 -7.24 -12.92
C ASN A 31 -8.23 -6.26 -13.17
N ARG A 32 -7.73 -5.64 -12.13
CA ARG A 32 -6.66 -4.67 -12.26
C ARG A 32 -5.31 -5.37 -12.37
N ALA A 33 -4.50 -4.90 -13.32
CA ALA A 33 -3.08 -5.21 -13.35
C ALA A 33 -2.30 -3.92 -13.06
N ILE A 34 -1.12 -4.08 -12.45
CA ILE A 34 -0.25 -2.95 -12.11
C ILE A 34 1.03 -3.05 -12.92
N ALA A 35 1.35 -1.98 -13.63
CA ALA A 35 2.63 -1.91 -14.34
C ALA A 35 3.77 -1.85 -13.35
N TRP A 36 4.75 -2.74 -13.51
CA TRP A 36 5.75 -2.93 -12.48
C TRP A 36 7.13 -3.24 -13.06
N LYS A 37 8.16 -2.70 -12.40
CA LYS A 37 9.53 -3.13 -12.63
C LYS A 37 10.28 -3.06 -11.29
N ARG A 38 11.49 -3.64 -11.28
CA ARG A 38 12.16 -3.90 -10.01
C ARG A 38 12.55 -2.63 -9.29
N LYS A 39 12.89 -1.57 -10.01
CA LYS A 39 13.26 -0.33 -9.34
C LYS A 39 12.10 0.20 -8.49
N TYR A 40 10.87 -0.08 -8.92
CA TYR A 40 9.70 0.44 -8.22
C TYR A 40 9.63 -0.06 -6.78
N GLY A 41 10.08 -1.28 -6.53
CA GLY A 41 9.91 -1.83 -5.21
C GLY A 41 8.47 -2.20 -4.93
N LYS A 42 8.19 -2.50 -3.67
CA LYS A 42 6.95 -3.17 -3.30
C LYS A 42 5.76 -2.21 -3.10
N LEU A 43 6.00 -0.91 -2.96
CA LEU A 43 5.00 -0.08 -2.30
C LEU A 43 3.74 0.08 -3.13
N ARG A 44 3.87 0.26 -4.45
CA ARG A 44 2.66 0.48 -5.24
C ARG A 44 1.80 -0.76 -5.32
N LEU A 45 2.37 -1.95 -5.11
CA LEU A 45 1.58 -3.18 -5.05
C LEU A 45 0.82 -3.26 -3.74
N ILE A 46 1.53 -3.00 -2.63
CA ILE A 46 0.86 -2.85 -1.32
C ILE A 46 -0.29 -1.86 -1.44
N ASP A 47 -0.02 -0.70 -2.04
CA ASP A 47 -1.02 0.36 -2.14
C ASP A 47 -2.26 -0.13 -2.88
N HIS A 48 -2.08 -0.91 -3.96
CA HIS A 48 -3.26 -1.43 -4.63
C HIS A 48 -3.94 -2.49 -3.79
N ALA A 49 -3.18 -3.36 -3.11
CA ALA A 49 -3.81 -4.37 -2.27
C ALA A 49 -4.71 -3.72 -1.22
N LEU A 50 -4.30 -2.57 -0.69
CA LEU A 50 -5.07 -1.90 0.36
C LEU A 50 -6.40 -1.36 -0.14
N VAL A 51 -6.57 -1.19 -1.46
CA VAL A 51 -7.87 -0.84 -2.03
C VAL A 51 -8.91 -1.89 -1.69
N HIS A 52 -8.49 -3.13 -1.47
CA HIS A 52 -9.38 -4.23 -1.14
C HIS A 52 -9.57 -4.39 0.37
N CYS A 53 -9.00 -3.51 1.19
CA CYS A 53 -8.93 -3.68 2.63
C CYS A 53 -9.92 -2.76 3.32
N ASP A 54 -10.71 -3.31 4.25
CA ASP A 54 -11.68 -2.49 4.97
C ASP A 54 -11.15 -1.99 6.31
N LYS A 55 -10.06 -2.53 6.84
CA LYS A 55 -9.41 -1.89 7.98
C LYS A 55 -8.74 -0.59 7.53
N ASN A 56 -8.37 0.23 8.50
CA ASN A 56 -7.66 1.49 8.27
C ASN A 56 -6.28 1.36 8.89
N PHE A 57 -5.35 0.75 8.16
CA PHE A 57 -4.00 0.56 8.68
C PHE A 57 -3.13 1.81 8.52
N LEU A 58 -3.55 2.80 7.72
CA LEU A 58 -2.74 3.99 7.52
C LEU A 58 -3.16 5.04 8.55
N LYS A 59 -2.20 5.50 9.35
CA LYS A 59 -2.47 6.45 10.42
C LYS A 59 -1.66 7.71 10.17
N CYS A 60 -2.34 8.86 10.09
CA CYS A 60 -1.64 10.12 9.90
C CYS A 60 -0.72 10.37 11.07
N LYS A 61 0.42 10.99 10.81
CA LYS A 61 1.35 11.33 11.87
C LYS A 61 1.20 12.75 12.37
N LYS A 62 0.32 13.55 11.74
CA LYS A 62 0.08 14.92 12.15
C LYS A 62 -1.25 15.13 12.83
N CYS A 63 -2.19 14.20 12.68
CA CYS A 63 -3.51 14.28 13.29
C CYS A 63 -4.01 12.86 13.51
N LYS A 64 -5.23 12.74 14.04
CA LYS A 64 -5.80 11.43 14.34
C LYS A 64 -6.33 10.70 13.12
N HIS A 65 -6.34 11.33 11.95
CA HIS A 65 -6.98 10.72 10.78
C HIS A 65 -6.35 9.37 10.46
N THR A 66 -7.20 8.43 10.02
CA THR A 66 -6.73 7.17 9.45
C THR A 66 -7.46 6.93 8.13
N CYS A 67 -6.90 6.03 7.31
CA CYS A 67 -7.52 5.72 6.02
C CYS A 67 -6.98 4.39 5.53
N HIS A 68 -7.48 3.96 4.36
CA HIS A 68 -7.23 2.62 3.85
C HIS A 68 -5.91 2.50 3.09
N THR A 69 -5.60 3.45 2.21
CA THR A 69 -4.46 3.28 1.32
C THR A 69 -3.39 4.35 1.57
N ILE A 70 -2.18 4.03 1.11
CA ILE A 70 -1.11 5.02 1.08
C ILE A 70 -1.51 6.20 0.23
N ARG A 71 -2.18 5.93 -0.90
CA ARG A 71 -2.56 7.02 -1.79
C ARG A 71 -3.52 7.97 -1.11
N GLN A 72 -4.49 7.42 -0.37
CA GLN A 72 -5.41 8.26 0.38
C GLN A 72 -4.65 9.12 1.41
N MET A 73 -3.58 8.59 1.99
CA MET A 73 -2.80 9.39 2.93
C MET A 73 -2.02 10.47 2.21
N ARG A 74 -1.55 10.21 0.99
CA ARG A 74 -0.93 11.27 0.17
C ARG A 74 -1.90 12.42 -0.05
N TYR A 75 -3.14 12.09 -0.44
CA TYR A 75 -4.14 13.14 -0.61
C TYR A 75 -4.45 13.84 0.72
N HIS A 76 -4.43 13.10 1.83
CA HIS A 76 -4.70 13.71 3.13
C HIS A 76 -3.65 14.76 3.48
N TYR A 77 -2.37 14.45 3.28
CA TYR A 77 -1.32 15.40 3.62
C TYR A 77 -1.36 16.62 2.70
N ARG A 78 -1.65 16.40 1.42
CA ARG A 78 -1.76 17.51 0.48
C ARG A 78 -2.85 18.50 0.90
N ILE A 79 -4.02 18.01 1.31
CA ILE A 79 -5.14 18.89 1.61
C ILE A 79 -5.06 19.42 3.05
N PHE A 80 -4.82 18.54 4.02
CA PHE A 80 -4.95 18.89 5.43
C PHE A 80 -3.64 19.26 6.11
N HIS A 81 -2.49 19.01 5.49
CA HIS A 81 -1.20 19.36 6.08
C HIS A 81 -0.30 19.91 4.98
N SER A 82 -0.74 21.00 4.35
CA SER A 82 -0.05 21.55 3.20
C SER A 82 1.37 22.00 3.50
N THR A 83 1.71 22.30 4.75
CA THR A 83 3.07 22.72 5.08
C THR A 83 3.92 21.60 5.67
N SER A 84 3.44 20.37 5.69
CA SER A 84 4.21 19.27 6.25
C SER A 84 4.70 18.33 5.15
N LYS A 85 5.79 17.63 5.46
CA LYS A 85 6.31 16.59 4.61
C LYS A 85 5.75 15.26 5.10
N MET A 86 5.27 14.45 4.16
CA MET A 86 4.76 13.12 4.48
C MET A 86 5.97 12.20 4.67
N GLU A 87 6.05 11.53 5.82
CA GLU A 87 7.28 10.84 6.19
C GLU A 87 6.96 9.53 6.90
N GLY A 88 7.75 8.50 6.63
CA GLY A 88 7.57 7.23 7.32
C GLY A 88 6.39 6.43 6.81
N PHE A 89 6.12 6.46 5.51
CA PHE A 89 5.00 5.68 4.99
C PHE A 89 5.46 4.63 3.98
N GLY A 90 6.71 4.21 4.06
CA GLY A 90 7.16 3.07 3.30
C GLY A 90 6.83 1.78 4.01
N VAL A 91 7.25 0.67 3.39
CA VAL A 91 7.18 -0.64 4.02
C VAL A 91 7.66 -0.60 5.47
N SER A 92 8.81 0.06 5.71
CA SER A 92 9.38 0.03 7.05
C SER A 92 8.50 0.73 8.07
N GLY A 93 7.60 1.60 7.61
CA GLY A 93 6.68 2.28 8.50
C GLY A 93 5.29 1.71 8.54
N LEU A 94 5.01 0.61 7.81
CA LEU A 94 3.68 0.04 7.78
C LEU A 94 3.59 -1.18 8.69
N PRO A 95 2.37 -1.52 9.16
CA PRO A 95 2.17 -2.66 10.09
C PRO A 95 2.29 -4.02 9.41
N THR A 96 3.48 -4.32 8.89
CA THR A 96 3.65 -5.49 8.03
C THR A 96 3.57 -6.79 8.81
N LYS A 97 3.80 -6.75 10.12
CA LYS A 97 3.67 -7.93 10.96
C LYS A 97 2.25 -8.20 11.41
N ASN A 98 1.33 -7.27 11.16
CA ASN A 98 -0.07 -7.48 11.52
C ASN A 98 -0.67 -8.57 10.64
N LYS A 99 -1.36 -9.53 11.26
CA LYS A 99 -1.86 -10.70 10.54
C LYS A 99 -2.91 -10.32 9.51
N GLY A 100 -3.80 -9.39 9.84
CA GLY A 100 -4.79 -8.95 8.86
C GLY A 100 -4.16 -8.23 7.68
N PHE A 101 -3.16 -7.39 7.94
CA PHE A 101 -2.39 -6.77 6.86
C PHE A 101 -1.79 -7.84 5.94
N GLN A 102 -1.15 -8.86 6.52
CA GLN A 102 -0.52 -9.90 5.72
C GLN A 102 -1.54 -10.66 4.89
N LYS A 103 -2.72 -10.91 5.45
CA LYS A 103 -3.76 -11.61 4.71
C LYS A 103 -4.15 -10.86 3.44
N ILE A 104 -4.31 -9.54 3.53
CA ILE A 104 -4.68 -8.77 2.35
C ILE A 104 -3.54 -8.80 1.33
N MET A 105 -2.31 -8.56 1.78
CA MET A 105 -1.16 -8.62 0.87
C MET A 105 -1.12 -9.96 0.14
N ASN A 106 -1.26 -11.05 0.88
CA ASN A 106 -1.11 -12.36 0.26
C ASN A 106 -2.30 -12.75 -0.58
N ALA A 107 -3.45 -12.10 -0.37
CA ALA A 107 -4.57 -12.29 -1.27
C ALA A 107 -4.37 -11.60 -2.63
N CYS A 108 -3.42 -10.67 -2.74
CA CYS A 108 -3.31 -9.83 -3.92
C CYS A 108 -2.03 -10.07 -4.70
N PHE A 109 -0.88 -10.01 -4.04
CA PHE A 109 0.42 -10.06 -4.68
C PHE A 109 1.37 -10.95 -3.87
N ALA A 110 0.92 -12.16 -3.55
CA ALA A 110 1.68 -13.01 -2.65
C ALA A 110 3.09 -13.24 -3.17
N ASP A 111 3.26 -13.45 -4.48
CA ASP A 111 4.59 -13.76 -5.01
C ASP A 111 5.56 -12.60 -4.84
N GLN A 112 5.07 -11.36 -5.00
CA GLN A 112 5.94 -10.19 -4.96
C GLN A 112 6.16 -9.64 -3.56
N LEU A 113 5.28 -9.97 -2.61
CA LEU A 113 5.37 -9.43 -1.27
C LEU A 113 5.83 -10.46 -0.24
N VAL A 114 6.63 -11.45 -0.68
CA VAL A 114 7.09 -12.51 0.24
C VAL A 114 8.15 -11.98 1.19
N GLU A 115 9.19 -11.35 0.66
CA GLU A 115 10.30 -10.87 1.50
C GLU A 115 9.98 -9.53 2.16
N MET A 116 8.69 -9.16 2.24
CA MET A 116 8.28 -7.88 2.81
C MET A 116 8.81 -7.64 4.22
N ASN A 117 9.12 -8.69 4.97
CA ASN A 117 9.55 -8.56 6.36
C ASN A 117 10.99 -9.01 6.58
ZN ZN D . -3.66 14.26 9.36
ZN ZN E . -6.85 -5.81 -6.98
#